data_3LG7
#
_entry.id   3LG7
#
_cell.length_a   91.600
_cell.length_b   94.870
_cell.length_c   108.390
_cell.angle_alpha   90.00
_cell.angle_beta   90.00
_cell.angle_gamma   90.00
#
_symmetry.space_group_name_H-M   'P 21 21 21'
#
loop_
_entity.id
_entity.type
_entity.pdbx_description
1 polymer '4E10_S0_1EZ3A_002_C (T246)'
2 non-polymer 'SULFATE ION'
3 water water
#
_entity_poly.entity_id   1
_entity_poly.type   'polypeptide(L)'
_entity_poly.pdbx_seq_one_letter_code
;(FME)RDKFMDEFFKQVEEIRQYIDRIAENVEEVARQHQAILASPNPNWFDISQLLWLMADIKETANEVRKKLKEIEQSI
EQEEGKNKSSADLKIRKRQHEELERKFREVMKEYNATQQDYRKRARKRNLEHHHHHH
;
_entity_poly.pdbx_strand_id   A,B,C
#
# COMPACT_ATOMS: atom_id res chain seq x y z
N ARG A 2 -13.32 24.42 -22.20
CA ARG A 2 -13.25 23.01 -22.58
C ARG A 2 -11.78 22.66 -22.77
N ASP A 3 -11.08 23.45 -23.57
CA ASP A 3 -9.66 23.20 -23.85
C ASP A 3 -8.81 22.69 -22.69
N LYS A 4 -8.87 23.39 -21.57
CA LYS A 4 -8.05 23.03 -20.40
C LYS A 4 -8.46 21.65 -19.88
N PHE A 5 -9.73 21.31 -20.05
CA PHE A 5 -10.24 20.03 -19.53
C PHE A 5 -10.05 18.87 -20.50
N MET A 6 -9.89 19.15 -21.79
CA MET A 6 -9.54 18.08 -22.73
C MET A 6 -8.05 17.76 -22.59
N ASP A 7 -7.26 18.81 -22.38
CA ASP A 7 -5.84 18.62 -22.16
C ASP A 7 -5.65 17.71 -20.96
N GLU A 8 -6.39 18.01 -19.90
CA GLU A 8 -6.36 17.18 -18.70
C GLU A 8 -6.82 15.75 -18.99
N PHE A 9 -7.88 15.62 -19.79
CA PHE A 9 -8.40 14.29 -20.11
C PHE A 9 -7.34 13.43 -20.84
N PHE A 10 -6.64 14.02 -21.79
CA PHE A 10 -5.65 13.31 -22.54
C PHE A 10 -4.44 12.93 -21.67
N LYS A 11 -4.11 13.79 -20.72
CA LYS A 11 -3.06 13.47 -19.74
C LYS A 11 -3.51 12.27 -18.87
N GLN A 12 -4.77 12.29 -18.43
CA GLN A 12 -5.32 11.17 -17.69
C GLN A 12 -5.26 9.91 -18.52
N VAL A 13 -5.53 10.02 -19.82
CA VAL A 13 -5.52 8.85 -20.68
C VAL A 13 -4.10 8.27 -20.72
N GLU A 14 -3.08 9.13 -20.85
CA GLU A 14 -1.70 8.64 -20.98
C GLU A 14 -1.26 7.95 -19.71
N GLU A 15 -1.70 8.48 -18.58
CA GLU A 15 -1.35 7.90 -17.30
C GLU A 15 -1.99 6.51 -17.19
N ILE A 16 -3.22 6.39 -17.64
CA ILE A 16 -3.90 5.11 -17.57
C ILE A 16 -3.20 4.10 -18.48
N ARG A 17 -2.72 4.57 -19.63
CA ARG A 17 -1.96 3.73 -20.56
C ARG A 17 -0.64 3.25 -19.99
N GLN A 18 0.07 4.12 -19.30
CA GLN A 18 1.33 3.73 -18.65
C GLN A 18 1.07 2.69 -17.56
N TYR A 19 0.00 2.86 -16.79
CA TYR A 19 -0.41 1.84 -15.81
C TYR A 19 -0.72 0.50 -16.45
N ILE A 20 -1.39 0.50 -17.61
CA ILE A 20 -1.76 -0.75 -18.28
C ILE A 20 -0.53 -1.48 -18.80
N ASP A 21 0.35 -0.76 -19.50
CA ASP A 21 1.63 -1.32 -19.91
C ASP A 21 2.41 -1.83 -18.71
N ARG A 22 2.29 -1.16 -17.58
CA ARG A 22 2.98 -1.60 -16.37
C ARG A 22 2.44 -2.96 -15.93
N ILE A 23 1.12 -3.12 -15.97
CA ILE A 23 0.49 -4.40 -15.64
C ILE A 23 1.00 -5.41 -16.66
N ALA A 24 1.14 -5.02 -17.92
CA ALA A 24 1.46 -6.01 -18.96
C ALA A 24 2.88 -6.53 -18.76
N GLU A 25 3.81 -5.62 -18.50
CA GLU A 25 5.18 -5.99 -18.16
C GLU A 25 5.19 -6.97 -17.01
N ASN A 26 4.51 -6.63 -15.93
CA ASN A 26 4.49 -7.47 -14.74
C ASN A 26 3.88 -8.84 -14.98
N VAL A 27 2.96 -8.95 -15.93
CA VAL A 27 2.28 -10.22 -16.20
C VAL A 27 3.25 -11.18 -16.88
N GLU A 28 4.05 -10.66 -17.80
CA GLU A 28 5.16 -11.43 -18.38
C GLU A 28 6.10 -11.90 -17.27
N GLU A 29 6.46 -11.01 -16.37
CA GLU A 29 7.41 -11.39 -15.30
C GLU A 29 6.82 -12.45 -14.39
N VAL A 30 5.52 -12.35 -14.16
CA VAL A 30 4.80 -13.41 -13.43
C VAL A 30 4.93 -14.73 -14.17
N ALA A 31 4.79 -14.70 -15.50
CA ALA A 31 5.03 -15.89 -16.33
C ALA A 31 6.43 -16.44 -16.09
N ARG A 32 7.43 -15.58 -16.20
CA ARG A 32 8.80 -16.02 -15.96
C ARG A 32 8.95 -16.66 -14.59
N GLN A 33 8.36 -16.06 -13.57
CA GLN A 33 8.46 -16.64 -12.21
C GLN A 33 7.77 -18.01 -12.16
N HIS A 34 6.64 -18.13 -12.87
CA HIS A 34 5.96 -19.37 -12.96
C HIS A 34 6.87 -20.45 -13.56
N GLN A 35 7.52 -20.14 -14.69
CA GLN A 35 8.52 -21.03 -15.25
C GLN A 35 9.59 -21.38 -14.22
N ALA A 36 10.18 -20.40 -13.58
CA ALA A 36 11.30 -20.72 -12.69
C ALA A 36 10.82 -21.68 -11.61
N ILE A 37 9.70 -21.35 -10.98
CA ILE A 37 9.18 -22.17 -9.89
C ILE A 37 8.91 -23.61 -10.36
N LEU A 38 8.26 -23.78 -11.51
CA LEU A 38 8.00 -25.14 -12.04
C LEU A 38 9.27 -25.89 -12.50
N ALA A 39 10.21 -25.21 -13.14
CA ALA A 39 11.43 -25.86 -13.62
C ALA A 39 12.40 -26.26 -12.51
N SER A 40 12.07 -25.98 -11.24
CA SER A 40 13.01 -26.26 -10.17
C SER A 40 12.45 -27.31 -9.20
N PRO A 41 13.16 -28.42 -9.04
CA PRO A 41 12.65 -29.47 -8.16
C PRO A 41 12.40 -28.91 -6.75
N ASN A 42 13.28 -28.04 -6.28
CA ASN A 42 13.13 -27.47 -4.95
C ASN A 42 12.50 -26.08 -4.98
N PRO A 43 12.00 -25.61 -3.84
CA PRO A 43 11.60 -24.20 -3.71
C PRO A 43 12.78 -23.27 -3.89
N ASN A 44 12.51 -22.07 -4.39
CA ASN A 44 13.44 -20.96 -4.34
C ASN A 44 12.65 -19.80 -3.78
N TRP A 45 12.90 -19.45 -2.52
CA TRP A 45 12.10 -18.47 -1.83
C TRP A 45 12.21 -17.07 -2.39
N PHE A 46 13.28 -16.80 -3.13
CA PHE A 46 13.38 -15.52 -3.79
C PHE A 46 12.36 -15.46 -4.93
N ASP A 47 12.27 -16.55 -5.70
CA ASP A 47 11.36 -16.57 -6.81
C ASP A 47 9.94 -16.46 -6.30
N ILE A 48 9.66 -17.16 -5.21
CA ILE A 48 8.31 -17.17 -4.63
C ILE A 48 7.98 -15.76 -4.09
N SER A 49 8.81 -15.25 -3.21
CA SER A 49 8.62 -13.89 -2.73
C SER A 49 8.42 -12.89 -3.88
N GLN A 50 9.22 -12.99 -4.92
CA GLN A 50 9.17 -12.02 -6.03
C GLN A 50 7.90 -12.19 -6.87
N LEU A 51 7.51 -13.44 -7.10
CA LEU A 51 6.18 -13.71 -7.69
C LEU A 51 5.12 -12.94 -6.87
N LEU A 52 5.12 -13.10 -5.55
CA LEU A 52 4.10 -12.48 -4.72
C LEU A 52 4.19 -10.92 -4.80
N TRP A 53 5.39 -10.38 -4.78
CA TRP A 53 5.59 -8.98 -4.97
C TRP A 53 4.95 -8.51 -6.26
N LEU A 54 5.14 -9.25 -7.34
CA LEU A 54 4.62 -8.83 -8.64
C LEU A 54 3.08 -8.84 -8.63
N MET A 55 2.50 -9.87 -7.98
CA MET A 55 1.07 -9.98 -7.90
C MET A 55 0.50 -8.80 -7.13
N ALA A 56 1.18 -8.43 -6.06
CA ALA A 56 0.76 -7.32 -5.23
C ALA A 56 0.69 -6.08 -6.10
N ASP A 57 1.71 -5.89 -6.92
CA ASP A 57 1.84 -4.67 -7.72
C ASP A 57 0.79 -4.63 -8.82
N ILE A 58 0.55 -5.76 -9.47
CA ILE A 58 -0.54 -5.85 -10.45
C ILE A 58 -1.87 -5.43 -9.81
N LYS A 59 -2.11 -5.89 -8.59
CA LYS A 59 -3.37 -5.67 -7.91
C LYS A 59 -3.52 -4.22 -7.51
N GLU A 60 -2.45 -3.59 -7.03
CA GLU A 60 -2.50 -2.17 -6.68
C GLU A 60 -2.71 -1.34 -7.97
N THR A 61 -1.97 -1.70 -9.01
CA THR A 61 -1.97 -0.92 -10.24
C THR A 61 -3.30 -1.08 -10.93
N ALA A 62 -3.77 -2.31 -11.05
CA ALA A 62 -5.09 -2.55 -11.61
C ALA A 62 -6.10 -1.67 -10.90
N ASN A 63 -5.97 -1.56 -9.57
CA ASN A 63 -6.97 -0.84 -8.78
C ASN A 63 -7.04 0.64 -9.14
N GLU A 64 -5.87 1.24 -9.30
CA GLU A 64 -5.76 2.63 -9.71
C GLU A 64 -6.37 2.85 -11.09
N VAL A 65 -6.18 1.88 -11.99
CA VAL A 65 -6.71 1.98 -13.35
C VAL A 65 -8.23 1.93 -13.30
N ARG A 66 -8.77 1.14 -12.37
CA ARG A 66 -10.21 0.99 -12.23
CA ARG A 66 -10.21 0.98 -12.21
C ARG A 66 -10.81 2.28 -11.70
N LYS A 67 -10.15 2.90 -10.73
CA LYS A 67 -10.64 4.18 -10.19
C LYS A 67 -10.50 5.32 -11.22
N LYS A 68 -9.34 5.45 -11.84
CA LYS A 68 -9.12 6.48 -12.84
C LYS A 68 -10.12 6.32 -13.98
N LEU A 69 -10.43 5.09 -14.42
CA LEU A 69 -11.45 4.93 -15.46
C LEU A 69 -12.85 5.29 -14.94
N LYS A 70 -13.15 4.93 -13.68
CA LYS A 70 -14.47 5.19 -13.10
C LYS A 70 -14.76 6.71 -13.05
N GLU A 71 -13.73 7.49 -12.71
CA GLU A 71 -13.83 8.95 -12.77
C GLU A 71 -14.19 9.40 -14.19
N ILE A 72 -13.42 8.97 -15.17
CA ILE A 72 -13.73 9.33 -16.53
C ILE A 72 -15.18 8.94 -16.87
N GLU A 73 -15.56 7.71 -16.54
CA GLU A 73 -16.92 7.24 -16.81
C GLU A 73 -17.98 8.12 -16.13
N GLN A 74 -17.71 8.54 -14.91
CA GLN A 74 -18.68 9.34 -14.15
C GLN A 74 -18.77 10.76 -14.72
N SER A 75 -17.66 11.27 -15.24
CA SER A 75 -17.65 12.59 -15.89
C SER A 75 -18.47 12.55 -17.21
N ILE A 76 -18.28 11.51 -18.00
CA ILE A 76 -19.09 11.30 -19.21
C ILE A 76 -20.59 11.19 -18.90
N GLU A 77 -20.94 10.42 -17.85
CA GLU A 77 -22.41 10.33 -17.46
C GLU A 77 -23.06 11.65 -17.18
N GLN A 78 -22.37 12.56 -16.50
CA GLN A 78 -23.03 13.86 -16.16
C GLN A 78 -23.21 14.75 -17.40
N GLU A 79 -22.16 14.86 -18.22
CA GLU A 79 -22.22 15.66 -19.46
C GLU A 79 -23.24 15.04 -20.43
N GLU A 80 -23.29 13.72 -20.45
CA GLU A 80 -24.24 12.97 -21.27
C GLU A 80 -25.64 13.05 -20.69
N LYS A 84 -27.95 14.62 -28.85
CA LYS A 84 -26.75 13.88 -29.22
C LYS A 84 -25.48 14.49 -28.60
N SER A 85 -24.50 13.65 -28.30
CA SER A 85 -23.25 14.10 -27.71
C SER A 85 -22.46 15.05 -28.64
N SER A 86 -21.68 15.94 -28.03
CA SER A 86 -20.71 16.75 -28.75
C SER A 86 -19.52 15.88 -29.19
N ALA A 87 -18.62 16.47 -29.97
CA ALA A 87 -17.48 15.75 -30.50
C ALA A 87 -16.48 15.43 -29.37
N ASP A 88 -16.19 16.41 -28.53
CA ASP A 88 -15.33 16.18 -27.39
C ASP A 88 -15.86 15.03 -26.52
N LEU A 89 -17.14 15.08 -26.20
CA LEU A 89 -17.76 14.01 -25.42
C LEU A 89 -17.59 12.64 -26.13
N LYS A 90 -17.76 12.62 -27.43
CA LYS A 90 -17.62 11.39 -28.18
C LYS A 90 -16.17 10.88 -28.11
N ILE A 91 -15.23 11.80 -28.27
CA ILE A 91 -13.82 11.48 -28.19
C ILE A 91 -13.53 10.80 -26.88
N ARG A 92 -14.13 11.30 -25.82
CA ARG A 92 -13.88 10.77 -24.48
C ARG A 92 -14.46 9.39 -24.27
N LYS A 93 -15.65 9.17 -24.83
CA LYS A 93 -16.30 7.87 -24.70
C LYS A 93 -15.51 6.81 -25.47
N ARG A 94 -15.09 7.15 -26.69
CA ARG A 94 -14.37 6.19 -27.54
C ARG A 94 -13.10 5.79 -26.83
N GLN A 95 -12.34 6.78 -26.36
CA GLN A 95 -11.09 6.50 -25.64
C GLN A 95 -11.33 5.67 -24.38
N HIS A 96 -12.35 6.03 -23.62
CA HIS A 96 -12.69 5.27 -22.42
C HIS A 96 -12.97 3.82 -22.79
N GLU A 97 -13.76 3.63 -23.84
CA GLU A 97 -14.09 2.27 -24.25
C GLU A 97 -12.84 1.52 -24.66
N GLU A 98 -11.91 2.17 -25.38
CA GLU A 98 -10.69 1.51 -25.83
C GLU A 98 -9.83 1.15 -24.61
N LEU A 99 -9.66 2.10 -23.70
CA LEU A 99 -8.93 1.84 -22.48
C LEU A 99 -9.53 0.68 -21.69
N GLU A 100 -10.85 0.62 -21.58
CA GLU A 100 -11.52 -0.55 -20.94
C GLU A 100 -11.18 -1.89 -21.61
N ARG A 101 -11.37 -1.96 -22.91
CA ARG A 101 -10.99 -3.17 -23.68
C ARG A 101 -9.58 -3.61 -23.34
N LYS A 102 -8.64 -2.68 -23.44
CA LYS A 102 -7.23 -2.99 -23.23
C LYS A 102 -6.96 -3.47 -21.81
N PHE A 103 -7.66 -2.92 -20.83
CA PHE A 103 -7.45 -3.30 -19.44
C PHE A 103 -8.00 -4.72 -19.17
N ARG A 104 -9.20 -5.00 -19.65
CA ARG A 104 -9.78 -6.33 -19.58
C ARG A 104 -8.89 -7.37 -20.25
N GLU A 105 -8.35 -7.02 -21.40
CA GLU A 105 -7.50 -7.92 -22.13
C GLU A 105 -6.27 -8.29 -21.29
N VAL A 106 -5.67 -7.30 -20.62
CA VAL A 106 -4.44 -7.56 -19.89
C VAL A 106 -4.72 -8.36 -18.62
N MET A 107 -5.85 -8.11 -17.99
CA MET A 107 -6.18 -8.86 -16.77
C MET A 107 -6.63 -10.27 -17.17
N LYS A 108 -7.30 -10.39 -18.30
CA LYS A 108 -7.67 -11.72 -18.80
C LYS A 108 -6.37 -12.54 -18.96
N GLU A 109 -5.40 -11.92 -19.61
CA GLU A 109 -4.10 -12.58 -19.81
C GLU A 109 -3.52 -13.02 -18.44
N TYR A 110 -3.66 -12.14 -17.45
CA TYR A 110 -3.17 -12.41 -16.10
C TYR A 110 -3.89 -13.60 -15.47
N ASN A 111 -5.19 -13.66 -15.56
CA ASN A 111 -5.88 -14.82 -15.02
C ASN A 111 -5.44 -16.09 -15.74
N ALA A 112 -5.38 -16.07 -17.07
CA ALA A 112 -4.99 -17.27 -17.84
C ALA A 112 -3.63 -17.75 -17.37
N THR A 113 -2.75 -16.81 -17.01
CA THR A 113 -1.40 -17.14 -16.54
C THR A 113 -1.41 -17.84 -15.19
N GLN A 114 -2.30 -17.39 -14.33
CA GLN A 114 -2.45 -17.99 -13.03
C GLN A 114 -3.11 -19.39 -13.14
N GLN A 115 -4.09 -19.51 -14.04
CA GLN A 115 -4.78 -20.78 -14.24
C GLN A 115 -3.82 -21.84 -14.79
N ASP A 116 -3.01 -21.44 -15.78
CA ASP A 116 -1.98 -22.30 -16.28
C ASP A 116 -1.04 -22.78 -15.17
N TYR A 117 -0.57 -21.87 -14.32
CA TYR A 117 0.41 -22.27 -13.32
C TYR A 117 -0.20 -23.33 -12.43
N ARG A 118 -1.40 -23.03 -11.95
CA ARG A 118 -2.13 -23.93 -11.06
C ARG A 118 -2.21 -25.33 -11.65
N LYS A 119 -2.52 -25.41 -12.92
CA LYS A 119 -2.70 -26.71 -13.57
C LYS A 119 -1.35 -27.43 -13.68
N ARG A 120 -0.36 -26.77 -14.29
CA ARG A 120 0.96 -27.33 -14.42
C ARG A 120 1.49 -27.77 -13.05
N ALA A 121 1.25 -26.95 -12.03
CA ALA A 121 1.77 -27.26 -10.69
C ALA A 121 1.21 -28.59 -10.20
N ARG A 122 -0.07 -28.80 -10.41
CA ARG A 122 -0.74 -29.97 -9.93
C ARG A 122 -0.19 -31.17 -10.66
N LYS A 123 0.02 -31.01 -11.96
CA LYS A 123 0.62 -32.06 -12.79
C LYS A 123 1.98 -32.44 -12.26
N ARG A 124 2.81 -31.44 -11.97
CA ARG A 124 4.15 -31.66 -11.45
C ARG A 124 4.08 -32.43 -10.14
N ASN A 125 3.24 -31.94 -9.24
CA ASN A 125 2.98 -32.56 -7.96
C ASN A 125 2.68 -34.05 -8.10
N LEU A 126 1.95 -34.42 -9.15
CA LEU A 126 1.60 -35.84 -9.38
C LEU A 126 2.76 -36.62 -10.00
N GLU A 127 3.71 -35.93 -10.59
CA GLU A 127 4.86 -36.54 -11.25
C GLU A 127 6.00 -36.73 -10.23
N ARG B 2 9.30 34.48 8.72
CA ARG B 2 10.21 33.36 8.49
C ARG B 2 10.13 32.41 9.68
N ASP B 3 10.11 32.92 10.90
CA ASP B 3 10.09 32.06 12.08
C ASP B 3 8.98 31.04 11.96
N LYS B 4 7.86 31.46 11.42
CA LYS B 4 6.72 30.57 11.29
C LYS B 4 7.10 29.45 10.31
N PHE B 5 7.72 29.85 9.21
CA PHE B 5 8.04 28.89 8.15
C PHE B 5 9.25 28.03 8.50
N MET B 6 10.18 28.54 9.29
CA MET B 6 11.34 27.76 9.72
C MET B 6 10.90 26.71 10.73
N ASP B 7 10.03 27.12 11.64
CA ASP B 7 9.51 26.18 12.62
C ASP B 7 8.87 25.03 11.85
N GLU B 8 8.10 25.34 10.84
CA GLU B 8 7.43 24.34 10.05
C GLU B 8 8.46 23.47 9.29
N PHE B 9 9.51 24.11 8.78
CA PHE B 9 10.55 23.38 8.09
C PHE B 9 11.15 22.36 9.02
N PHE B 10 11.51 22.78 10.23
CA PHE B 10 12.11 21.86 11.20
C PHE B 10 11.16 20.74 11.60
N LYS B 11 9.87 21.04 11.65
CA LYS B 11 8.90 19.96 11.87
C LYS B 11 8.85 18.99 10.66
N GLN B 12 8.93 19.52 9.45
CA GLN B 12 8.91 18.66 8.26
C GLN B 12 10.13 17.74 8.30
N VAL B 13 11.27 18.32 8.71
CA VAL B 13 12.52 17.56 8.84
C VAL B 13 12.38 16.36 9.81
N GLU B 14 11.82 16.60 10.99
CA GLU B 14 11.61 15.53 11.96
CA GLU B 14 11.60 15.54 11.97
C GLU B 14 10.70 14.44 11.39
N GLU B 15 9.65 14.84 10.67
CA GLU B 15 8.74 13.87 10.03
C GLU B 15 9.56 12.92 9.13
N ILE B 16 10.33 13.52 8.23
CA ILE B 16 11.18 12.79 7.33
C ILE B 16 12.18 11.89 8.06
N ARG B 17 12.82 12.39 9.11
CA ARG B 17 13.73 11.59 9.93
C ARG B 17 13.03 10.40 10.56
N GLN B 18 11.81 10.58 11.04
CA GLN B 18 11.03 9.45 11.56
C GLN B 18 10.71 8.40 10.48
N TYR B 19 10.43 8.86 9.28
CA TYR B 19 10.12 7.94 8.18
C TYR B 19 11.37 7.20 7.75
N ILE B 20 12.50 7.85 7.75
CA ILE B 20 13.72 7.15 7.40
C ILE B 20 14.09 6.11 8.47
N ASP B 21 14.02 6.47 9.75
CA ASP B 21 14.21 5.50 10.80
C ASP B 21 13.23 4.30 10.63
N ARG B 22 11.97 4.60 10.28
CA ARG B 22 11.01 3.53 10.05
C ARG B 22 11.50 2.57 8.95
N ILE B 23 11.99 3.12 7.86
CA ILE B 23 12.59 2.34 6.79
C ILE B 23 13.78 1.50 7.29
N ALA B 24 14.69 2.13 8.01
CA ALA B 24 15.86 1.43 8.53
C ALA B 24 15.41 0.22 9.36
N GLU B 25 14.49 0.46 10.28
CA GLU B 25 13.95 -0.61 11.13
C GLU B 25 13.33 -1.73 10.28
N ASN B 26 12.63 -1.37 9.22
CA ASN B 26 11.99 -2.39 8.37
C ASN B 26 13.03 -3.21 7.61
N VAL B 27 14.12 -2.57 7.26
CA VAL B 27 15.17 -3.25 6.53
C VAL B 27 15.83 -4.33 7.41
N GLU B 28 16.14 -4.00 8.68
CA GLU B 28 16.62 -4.99 9.64
C GLU B 28 15.63 -6.15 9.74
N GLU B 29 14.34 -5.85 9.92
CA GLU B 29 13.32 -6.90 9.92
C GLU B 29 13.26 -7.69 8.62
N VAL B 30 13.43 -7.03 7.48
CA VAL B 30 13.47 -7.78 6.24
C VAL B 30 14.61 -8.78 6.25
N ALA B 31 15.80 -8.36 6.73
CA ALA B 31 16.94 -9.28 6.84
C ALA B 31 16.63 -10.46 7.77
N ARG B 32 16.03 -10.21 8.92
CA ARG B 32 15.61 -11.32 9.81
C ARG B 32 14.63 -12.25 9.14
N GLN B 33 13.70 -11.72 8.35
CA GLN B 33 12.76 -12.57 7.62
C GLN B 33 13.50 -13.41 6.59
N HIS B 34 14.44 -12.77 5.86
CA HIS B 34 15.28 -13.51 4.94
C HIS B 34 15.98 -14.65 5.66
N GLN B 35 16.55 -14.41 6.84
CA GLN B 35 17.26 -15.47 7.56
C GLN B 35 16.32 -16.60 8.04
N ALA B 36 15.19 -16.24 8.63
CA ALA B 36 14.21 -17.23 9.07
C ALA B 36 13.73 -18.09 7.89
N ILE B 37 13.38 -17.45 6.78
CA ILE B 37 12.91 -18.17 5.59
C ILE B 37 13.97 -19.13 5.07
N LEU B 38 15.22 -18.66 4.92
CA LEU B 38 16.28 -19.53 4.42
C LEU B 38 16.79 -20.56 5.43
N ALA B 39 16.56 -20.36 6.72
CA ALA B 39 17.12 -21.28 7.73
C ALA B 39 16.21 -22.45 8.02
N SER B 40 14.94 -22.35 7.64
CA SER B 40 13.94 -23.34 8.04
C SER B 40 13.82 -24.43 6.99
N PRO B 41 13.70 -25.70 7.44
CA PRO B 41 13.56 -26.82 6.48
C PRO B 41 12.18 -26.92 5.83
N ASN B 42 11.18 -26.21 6.35
CA ASN B 42 9.86 -26.16 5.73
C ASN B 42 9.36 -24.74 5.51
N PRO B 43 8.33 -24.59 4.68
CA PRO B 43 7.79 -23.25 4.51
C PRO B 43 7.19 -22.74 5.82
N ASN B 44 7.19 -21.43 5.97
CA ASN B 44 6.40 -20.79 7.00
C ASN B 44 5.66 -19.64 6.33
N TRP B 45 4.38 -19.80 6.05
CA TRP B 45 3.69 -18.80 5.25
C TRP B 45 3.53 -17.47 5.99
N PHE B 46 3.61 -17.47 7.31
CA PHE B 46 3.60 -16.21 8.03
C PHE B 46 4.86 -15.45 7.70
N ASP B 47 5.98 -16.14 7.75
CA ASP B 47 7.24 -15.48 7.43
C ASP B 47 7.21 -14.87 6.03
N ILE B 48 6.60 -15.58 5.08
CA ILE B 48 6.47 -15.06 3.73
C ILE B 48 5.53 -13.85 3.72
N SER B 49 4.38 -13.98 4.39
CA SER B 49 3.45 -12.85 4.48
C SER B 49 4.05 -11.60 5.10
N GLN B 50 4.84 -11.78 6.14
CA GLN B 50 5.43 -10.65 6.86
C GLN B 50 6.53 -10.02 6.02
N LEU B 51 7.30 -10.82 5.30
CA LEU B 51 8.34 -10.24 4.43
C LEU B 51 7.67 -9.28 3.45
N LEU B 52 6.61 -9.76 2.80
CA LEU B 52 5.87 -9.00 1.82
C LEU B 52 5.25 -7.74 2.44
N TRP B 53 4.68 -7.88 3.63
CA TRP B 53 4.19 -6.72 4.32
C TRP B 53 5.28 -5.67 4.51
N LEU B 54 6.44 -6.09 5.02
CA LEU B 54 7.56 -5.18 5.21
C LEU B 54 7.97 -4.47 3.92
N MET B 55 8.01 -5.18 2.80
CA MET B 55 8.44 -4.58 1.54
C MET B 55 7.41 -3.56 1.04
N ALA B 56 6.14 -3.84 1.33
CA ALA B 56 5.05 -2.92 1.00
C ALA B 56 5.16 -1.66 1.82
N ASP B 57 5.53 -1.81 3.09
CA ASP B 57 5.67 -0.64 3.98
C ASP B 57 6.88 0.21 3.62
N ILE B 58 7.99 -0.45 3.32
CA ILE B 58 9.18 0.26 2.84
C ILE B 58 8.82 1.09 1.59
N LYS B 59 8.24 0.45 0.59
CA LYS B 59 7.84 1.16 -0.61
C LYS B 59 6.98 2.38 -0.28
N GLU B 60 5.90 2.16 0.46
CA GLU B 60 4.98 3.22 0.80
C GLU B 60 5.70 4.36 1.54
N THR B 61 6.50 4.02 2.54
CA THR B 61 7.21 5.04 3.34
C THR B 61 8.27 5.83 2.51
N ALA B 62 8.96 5.15 1.61
CA ALA B 62 10.00 5.79 0.82
C ALA B 62 9.35 6.77 -0.13
N ASN B 63 8.22 6.42 -0.69
CA ASN B 63 7.56 7.32 -1.61
CA ASN B 63 7.58 7.33 -1.62
C ASN B 63 7.24 8.63 -0.91
N GLU B 64 6.82 8.54 0.34
CA GLU B 64 6.47 9.71 1.12
C GLU B 64 7.71 10.52 1.36
N VAL B 65 8.82 9.84 1.64
CA VAL B 65 10.06 10.55 1.83
C VAL B 65 10.45 11.30 0.58
N ARG B 66 10.42 10.62 -0.57
CA ARG B 66 10.76 11.28 -1.83
CA ARG B 66 10.74 11.25 -1.84
C ARG B 66 9.85 12.47 -2.05
N LYS B 67 8.55 12.31 -1.85
CA LYS B 67 7.63 13.42 -2.01
C LYS B 67 7.95 14.61 -1.09
N LYS B 68 8.18 14.34 0.18
CA LYS B 68 8.42 15.37 1.17
C LYS B 68 9.75 16.08 0.92
N LEU B 69 10.77 15.32 0.54
CA LEU B 69 12.07 15.89 0.19
C LEU B 69 11.98 16.74 -1.08
N LYS B 70 11.21 16.25 -2.05
CA LYS B 70 10.98 16.97 -3.29
C LYS B 70 10.34 18.34 -2.99
N GLU B 71 9.26 18.30 -2.23
CA GLU B 71 8.57 19.48 -1.80
C GLU B 71 9.56 20.51 -1.17
N ILE B 72 10.44 20.05 -0.30
CA ILE B 72 11.44 20.94 0.26
C ILE B 72 12.43 21.42 -0.81
N GLU B 73 12.90 20.52 -1.66
CA GLU B 73 13.78 20.93 -2.78
C GLU B 73 13.19 22.13 -3.57
N GLN B 74 11.91 22.04 -3.93
CA GLN B 74 11.23 23.08 -4.73
C GLN B 74 11.16 24.41 -3.98
N SER B 75 10.76 24.34 -2.73
CA SER B 75 10.71 25.47 -1.82
C SER B 75 12.07 26.20 -1.76
N ILE B 76 13.16 25.45 -1.75
CA ILE B 76 14.48 26.06 -1.79
C ILE B 76 14.80 26.70 -3.16
N GLU B 77 14.55 25.97 -4.25
CA GLU B 77 14.87 26.48 -5.59
C GLU B 77 14.11 27.78 -5.86
N GLN B 78 12.89 27.87 -5.32
CA GLN B 78 12.08 29.09 -5.49
C GLN B 78 12.72 30.28 -4.74
N GLU B 79 13.13 30.05 -3.49
CA GLU B 79 13.69 31.11 -2.66
C GLU B 79 15.15 31.46 -3.01
N GLU B 80 15.81 30.57 -3.77
CA GLU B 80 17.23 30.72 -4.07
C GLU B 80 17.53 31.70 -5.21
N LYS B 84 24.70 34.92 -2.66
CA LYS B 84 24.95 34.24 -1.40
C LYS B 84 23.65 34.05 -0.63
N SER B 85 23.21 32.80 -0.56
CA SER B 85 22.07 32.42 0.24
C SER B 85 22.18 33.05 1.63
N SER B 86 21.04 33.44 2.19
CA SER B 86 20.95 33.82 3.61
C SER B 86 21.30 32.64 4.56
N ALA B 87 21.41 32.94 5.85
CA ALA B 87 21.73 31.92 6.83
C ALA B 87 20.64 30.83 6.87
N ASP B 88 19.38 31.24 6.99
CA ASP B 88 18.26 30.32 7.06
C ASP B 88 18.16 29.45 5.80
N LEU B 89 18.57 29.97 4.65
CA LEU B 89 18.38 29.22 3.43
C LEU B 89 19.46 28.16 3.48
N LYS B 90 20.64 28.58 3.93
CA LYS B 90 21.77 27.65 4.04
C LYS B 90 21.40 26.54 5.03
N ILE B 91 20.77 26.91 6.15
CA ILE B 91 20.33 25.89 7.11
C ILE B 91 19.48 24.88 6.38
N ARG B 92 18.51 25.35 5.62
CA ARG B 92 17.59 24.46 4.89
CA ARG B 92 17.59 24.45 4.90
C ARG B 92 18.30 23.59 3.86
N LYS B 93 19.25 24.16 3.12
CA LYS B 93 19.93 23.39 2.07
C LYS B 93 20.76 22.30 2.69
N ARG B 94 21.57 22.66 3.67
CA ARG B 94 22.43 21.70 4.36
C ARG B 94 21.63 20.53 4.96
N GLN B 95 20.50 20.83 5.61
CA GLN B 95 19.62 19.80 6.18
C GLN B 95 19.02 18.92 5.08
N HIS B 96 18.60 19.54 3.99
CA HIS B 96 18.01 18.74 2.91
C HIS B 96 19.08 17.82 2.30
N GLU B 97 20.30 18.32 2.19
CA GLU B 97 21.39 17.46 1.74
C GLU B 97 21.60 16.28 2.70
N GLU B 98 21.63 16.55 4.01
CA GLU B 98 21.85 15.51 4.99
C GLU B 98 20.76 14.46 4.88
N LEU B 99 19.51 14.86 4.75
CA LEU B 99 18.41 13.92 4.68
C LEU B 99 18.49 13.07 3.40
N GLU B 100 18.79 13.67 2.26
CA GLU B 100 19.01 12.88 1.04
C GLU B 100 20.08 11.82 1.21
N ARG B 101 21.19 12.15 1.85
CA ARG B 101 22.29 11.17 2.05
C ARG B 101 21.83 9.98 2.85
N LYS B 102 21.16 10.27 3.96
CA LYS B 102 20.68 9.24 4.86
C LYS B 102 19.71 8.38 4.11
N PHE B 103 18.81 9.03 3.39
CA PHE B 103 17.78 8.30 2.65
C PHE B 103 18.39 7.41 1.56
N ARG B 104 19.39 7.90 0.83
CA ARG B 104 20.06 7.06 -0.18
C ARG B 104 20.78 5.91 0.52
N GLU B 105 21.33 6.18 1.70
CA GLU B 105 22.08 5.15 2.41
C GLU B 105 21.14 4.02 2.90
N VAL B 106 19.99 4.35 3.50
CA VAL B 106 19.09 3.29 3.93
C VAL B 106 18.54 2.48 2.72
N MET B 107 18.18 3.13 1.63
CA MET B 107 17.65 2.40 0.47
C MET B 107 18.74 1.56 -0.20
N LYS B 108 19.98 2.07 -0.19
CA LYS B 108 21.10 1.28 -0.76
C LYS B 108 21.31 -0.03 0.02
N GLU B 109 21.12 0.05 1.33
CA GLU B 109 21.27 -1.08 2.23
C GLU B 109 20.10 -2.04 2.00
N TYR B 110 18.91 -1.51 1.75
CA TYR B 110 17.76 -2.32 1.41
C TYR B 110 18.06 -3.14 0.15
N ASN B 111 18.52 -2.47 -0.91
CA ASN B 111 18.83 -3.16 -2.16
CA ASN B 111 18.83 -3.15 -2.15
C ASN B 111 19.87 -4.26 -1.96
N ALA B 112 20.96 -3.93 -1.26
CA ALA B 112 22.01 -4.90 -0.91
C ALA B 112 21.40 -6.12 -0.20
N THR B 113 20.46 -5.85 0.71
CA THR B 113 19.83 -6.89 1.51
C THR B 113 19.04 -7.84 0.60
N GLN B 114 18.38 -7.25 -0.40
CA GLN B 114 17.65 -8.02 -1.43
C GLN B 114 18.54 -8.78 -2.38
N GLN B 115 19.64 -8.16 -2.80
CA GLN B 115 20.65 -8.86 -3.61
C GLN B 115 21.17 -10.13 -2.93
N ASP B 116 21.30 -10.10 -1.61
CA ASP B 116 21.78 -11.21 -0.81
C ASP B 116 20.73 -12.32 -0.71
N TYR B 117 19.49 -11.94 -0.45
CA TYR B 117 18.39 -12.88 -0.39
C TYR B 117 18.34 -13.62 -1.72
N ARG B 118 18.37 -12.87 -2.81
CA ARG B 118 18.29 -13.53 -4.09
C ARG B 118 19.44 -14.54 -4.23
N LYS B 119 20.65 -14.13 -3.88
CA LYS B 119 21.83 -14.98 -4.08
C LYS B 119 21.81 -16.17 -3.13
N ARG B 120 21.47 -15.90 -1.88
CA ARG B 120 21.41 -16.95 -0.86
C ARG B 120 20.26 -17.91 -1.08
N ALA B 121 19.16 -17.43 -1.64
CA ALA B 121 18.04 -18.34 -1.90
C ALA B 121 18.38 -19.31 -3.06
N ARG B 122 19.12 -18.81 -4.06
CA ARG B 122 19.62 -19.68 -5.12
C ARG B 122 20.55 -20.79 -4.58
N LYS B 123 21.50 -20.42 -3.71
CA LYS B 123 22.37 -21.40 -3.03
C LYS B 123 21.59 -22.45 -2.23
N ARG B 124 20.69 -21.97 -1.38
CA ARG B 124 19.79 -22.82 -0.63
C ARG B 124 19.03 -23.79 -1.56
N ASN B 125 18.40 -23.23 -2.57
CA ASN B 125 17.71 -24.01 -3.57
C ASN B 125 18.59 -25.10 -4.14
N LEU B 126 19.87 -24.78 -4.37
CA LEU B 126 20.84 -25.75 -4.96
C LEU B 126 21.31 -26.85 -3.99
N GLU B 127 20.99 -26.74 -2.72
CA GLU B 127 21.19 -27.83 -1.77
C GLU B 127 20.10 -28.88 -1.96
N ARG C 2 -23.90 27.02 15.06
CA ARG C 2 -23.87 25.64 15.60
C ARG C 2 -24.55 24.67 14.61
N ASP C 3 -25.80 24.91 14.22
CA ASP C 3 -26.49 23.97 13.33
C ASP C 3 -25.60 23.55 12.16
N LYS C 4 -24.97 24.52 11.47
CA LYS C 4 -24.09 24.20 10.35
C LYS C 4 -22.89 23.35 10.78
N PHE C 5 -22.38 23.64 11.98
CA PHE C 5 -21.21 22.93 12.51
C PHE C 5 -21.55 21.56 13.11
N MET C 6 -22.77 21.41 13.62
CA MET C 6 -23.23 20.11 14.08
C MET C 6 -23.61 19.22 12.91
N ASP C 7 -24.16 19.81 11.86
CA ASP C 7 -24.49 19.06 10.66
C ASP C 7 -23.24 18.37 10.11
N GLU C 8 -22.15 19.12 10.11
CA GLU C 8 -20.88 18.62 9.62
C GLU C 8 -20.37 17.54 10.56
N PHE C 9 -20.54 17.77 11.86
CA PHE C 9 -20.08 16.80 12.86
C PHE C 9 -20.73 15.43 12.61
N PHE C 10 -22.03 15.45 12.35
CA PHE C 10 -22.78 14.24 12.04
C PHE C 10 -22.37 13.65 10.69
N LYS C 11 -21.91 14.48 9.77
CA LYS C 11 -21.39 13.96 8.50
C LYS C 11 -20.09 13.17 8.78
N GLN C 12 -19.28 13.72 9.67
CA GLN C 12 -18.01 13.14 10.06
C GLN C 12 -18.25 11.82 10.78
N VAL C 13 -19.18 11.80 11.73
CA VAL C 13 -19.49 10.56 12.44
C VAL C 13 -19.90 9.43 11.48
N GLU C 14 -20.77 9.76 10.53
CA GLU C 14 -21.19 8.77 9.53
C GLU C 14 -19.99 8.19 8.75
N GLU C 15 -19.10 9.04 8.29
CA GLU C 15 -17.92 8.57 7.57
C GLU C 15 -17.07 7.68 8.43
N ILE C 16 -16.98 8.00 9.71
CA ILE C 16 -16.15 7.21 10.59
C ILE C 16 -16.76 5.83 10.76
N ARG C 17 -18.06 5.79 11.04
CA ARG C 17 -18.79 4.53 11.14
C ARG C 17 -18.62 3.62 9.90
N GLN C 18 -18.69 4.21 8.72
CA GLN C 18 -18.51 3.44 7.49
C GLN C 18 -17.09 2.89 7.36
N TYR C 19 -16.12 3.71 7.73
CA TYR C 19 -14.73 3.27 7.77
C TYR C 19 -14.52 2.14 8.77
N ILE C 20 -15.09 2.28 9.97
CA ILE C 20 -14.95 1.22 10.97
C ILE C 20 -15.59 -0.10 10.46
N ASP C 21 -16.80 -0.04 9.92
CA ASP C 21 -17.43 -1.20 9.31
C ASP C 21 -16.55 -1.79 8.21
N ARG C 22 -15.98 -0.93 7.39
CA ARG C 22 -15.06 -1.41 6.35
C ARG C 22 -13.88 -2.19 6.94
N ILE C 23 -13.33 -1.72 8.05
CA ILE C 23 -12.23 -2.42 8.72
C ILE C 23 -12.75 -3.75 9.27
N ALA C 24 -13.87 -3.68 9.97
CA ALA C 24 -14.52 -4.89 10.50
C ALA C 24 -14.65 -5.98 9.41
N GLU C 25 -15.26 -5.63 8.29
CA GLU C 25 -15.43 -6.56 7.16
C GLU C 25 -14.09 -7.03 6.64
N ASN C 26 -13.11 -6.14 6.56
CA ASN C 26 -11.79 -6.55 6.11
C ASN C 26 -11.11 -7.51 7.09
N VAL C 27 -11.43 -7.36 8.38
CA VAL C 27 -10.82 -8.24 9.38
C VAL C 27 -11.39 -9.65 9.28
N GLU C 28 -12.69 -9.75 9.03
CA GLU C 28 -13.29 -11.08 8.81
C GLU C 28 -12.60 -11.75 7.59
N GLU C 29 -12.38 -10.96 6.55
CA GLU C 29 -11.83 -11.48 5.31
C GLU C 29 -10.40 -11.94 5.53
N VAL C 30 -9.64 -11.12 6.26
CA VAL C 30 -8.28 -11.47 6.62
C VAL C 30 -8.34 -12.86 7.30
N ALA C 31 -9.31 -13.06 8.17
CA ALA C 31 -9.38 -14.33 8.89
C ALA C 31 -9.58 -15.48 7.91
N ARG C 32 -10.41 -15.26 6.88
CA ARG C 32 -10.65 -16.27 5.88
C ARG C 32 -9.37 -16.55 5.07
N GLN C 33 -8.60 -15.49 4.74
CA GLN C 33 -7.32 -15.68 4.02
C GLN C 33 -6.32 -16.51 4.84
N HIS C 34 -6.24 -16.23 6.15
CA HIS C 34 -5.41 -17.04 7.04
C HIS C 34 -5.81 -18.51 6.98
N GLN C 35 -7.11 -18.77 7.13
CA GLN C 35 -7.57 -20.12 7.11
C GLN C 35 -7.25 -20.81 5.75
N ALA C 36 -7.43 -20.07 4.66
CA ALA C 36 -7.28 -20.66 3.35
C ALA C 36 -5.81 -20.95 3.10
N ILE C 37 -4.95 -19.99 3.44
CA ILE C 37 -3.52 -20.13 3.29
C ILE C 37 -2.98 -21.32 4.06
N LEU C 38 -3.46 -21.52 5.28
CA LEU C 38 -2.90 -22.59 6.14
C LEU C 38 -3.62 -23.92 6.02
N ALA C 39 -4.73 -23.96 5.30
CA ALA C 39 -5.51 -25.20 5.18
C ALA C 39 -4.90 -26.10 4.13
N SER C 40 -4.58 -25.54 2.97
CA SER C 40 -4.11 -26.36 1.81
C SER C 40 -2.62 -26.70 1.90
N PRO C 41 -2.24 -27.84 1.30
CA PRO C 41 -0.81 -28.16 1.29
C PRO C 41 -0.06 -26.99 0.65
N ASN C 42 -0.45 -26.66 -0.58
CA ASN C 42 0.10 -25.53 -1.31
C ASN C 42 -0.89 -24.37 -1.43
N PRO C 43 -0.67 -23.31 -0.67
CA PRO C 43 -1.52 -22.13 -0.80
C PRO C 43 -1.62 -21.58 -2.23
N ASN C 44 -2.80 -21.14 -2.64
CA ASN C 44 -2.90 -20.30 -3.81
C ASN C 44 -2.08 -19.02 -3.56
N TRP C 45 -1.20 -18.69 -4.49
CA TRP C 45 -0.46 -17.45 -4.37
C TRP C 45 -1.41 -16.27 -4.19
N PHE C 46 -2.52 -16.27 -4.92
CA PHE C 46 -3.46 -15.16 -4.85
C PHE C 46 -4.13 -15.06 -3.47
N ASP C 47 -3.99 -16.07 -2.63
CA ASP C 47 -4.45 -15.91 -1.25
C ASP C 47 -3.47 -15.12 -0.39
N ILE C 48 -2.19 -15.22 -0.72
CA ILE C 48 -1.20 -14.47 0.03
C ILE C 48 -1.21 -13.02 -0.46
N SER C 49 -1.27 -12.81 -1.77
CA SER C 49 -1.31 -11.44 -2.29
C SER C 49 -2.57 -10.67 -1.81
N GLN C 50 -3.68 -11.39 -1.69
CA GLN C 50 -4.94 -10.80 -1.23
C GLN C 50 -4.90 -10.45 0.27
N LEU C 51 -4.27 -11.30 1.08
CA LEU C 51 -4.05 -10.98 2.50
C LEU C 51 -3.28 -9.65 2.61
N LEU C 52 -2.20 -9.53 1.83
CA LEU C 52 -1.44 -8.29 1.84
C LEU C 52 -2.35 -7.11 1.47
N TRP C 53 -3.23 -7.28 0.48
CA TRP C 53 -4.07 -6.18 0.01
C TRP C 53 -5.10 -5.71 1.07
N LEU C 54 -5.70 -6.65 1.80
CA LEU C 54 -6.60 -6.28 2.91
C LEU C 54 -5.84 -5.57 4.04
N MET C 55 -4.64 -6.04 4.37
CA MET C 55 -3.86 -5.38 5.42
C MET C 55 -3.53 -3.94 5.01
N ALA C 56 -3.20 -3.74 3.73
CA ALA C 56 -2.87 -2.40 3.23
C ALA C 56 -4.09 -1.53 3.39
N ASP C 57 -5.25 -2.08 3.07
CA ASP C 57 -6.50 -1.30 3.15
C ASP C 57 -6.86 -0.99 4.58
N ILE C 58 -6.63 -1.92 5.50
CA ILE C 58 -6.87 -1.69 6.91
C ILE C 58 -5.95 -0.60 7.45
N LYS C 59 -4.65 -0.70 7.17
CA LYS C 59 -3.73 0.39 7.56
C LYS C 59 -4.22 1.75 7.03
N GLU C 60 -4.55 1.82 5.76
CA GLU C 60 -4.97 3.08 5.17
C GLU C 60 -6.29 3.62 5.81
N THR C 61 -7.30 2.76 5.95
CA THR C 61 -8.56 3.14 6.53
C THR C 61 -8.39 3.54 8.01
N ALA C 62 -7.73 2.69 8.81
CA ALA C 62 -7.42 3.02 10.23
C ALA C 62 -6.80 4.41 10.39
N ASN C 63 -5.83 4.75 9.56
CA ASN C 63 -5.21 6.07 9.61
CA ASN C 63 -5.22 6.06 9.66
C ASN C 63 -6.26 7.15 9.45
N GLU C 64 -7.19 6.94 8.51
CA GLU C 64 -8.23 7.94 8.27
C GLU C 64 -9.17 8.08 9.47
N VAL C 65 -9.45 6.97 10.14
CA VAL C 65 -10.29 7.03 11.31
C VAL C 65 -9.56 7.77 12.42
N ARG C 66 -8.28 7.46 12.62
CA ARG C 66 -7.47 8.19 13.58
C ARG C 66 -7.50 9.69 13.33
N LYS C 67 -7.30 10.10 12.09
CA LYS C 67 -7.24 11.53 11.78
C LYS C 67 -8.57 12.16 12.12
N LYS C 68 -9.63 11.61 11.57
CA LYS C 68 -10.93 12.21 11.72
C LYS C 68 -11.34 12.25 13.19
N LEU C 69 -11.05 11.18 13.92
CA LEU C 69 -11.32 11.18 15.36
C LEU C 69 -10.51 12.26 16.10
N LYS C 70 -9.24 12.43 15.74
CA LYS C 70 -8.41 13.49 16.30
C LYS C 70 -9.05 14.85 15.99
N GLU C 71 -9.58 15.01 14.78
CA GLU C 71 -10.18 16.28 14.39
C GLU C 71 -11.29 16.64 15.38
N ILE C 72 -12.23 15.71 15.56
CA ILE C 72 -13.34 15.86 16.52
C ILE C 72 -12.82 16.13 17.94
N GLU C 73 -11.77 15.42 18.34
CA GLU C 73 -11.25 15.56 19.69
C GLU C 73 -10.75 17.00 19.93
N GLN C 74 -10.09 17.54 18.93
CA GLN C 74 -9.52 18.86 19.04
C GLN C 74 -10.60 19.92 19.07
N SER C 75 -11.66 19.70 18.29
CA SER C 75 -12.83 20.58 18.28
C SER C 75 -13.57 20.57 19.63
N ILE C 76 -13.68 19.42 20.26
CA ILE C 76 -14.24 19.31 21.60
C ILE C 76 -13.39 20.12 22.58
N GLU C 77 -12.08 19.89 22.57
CA GLU C 77 -11.16 20.61 23.46
C GLU C 77 -11.22 22.14 23.29
N GLN C 78 -11.56 22.58 22.08
CA GLN C 78 -11.64 24.01 21.78
C GLN C 78 -12.88 24.65 22.43
N GLU C 79 -14.02 23.97 22.34
CA GLU C 79 -15.25 24.44 22.94
C GLU C 79 -15.26 24.24 24.45
N GLU C 80 -14.54 23.22 24.92
CA GLU C 80 -14.46 22.93 26.36
C GLU C 80 -13.95 24.14 27.11
N SER C 85 -21.37 23.01 30.23
CA SER C 85 -21.26 22.06 29.11
C SER C 85 -22.62 21.88 28.41
N SER C 86 -22.69 22.29 27.15
CA SER C 86 -23.96 22.32 26.44
C SER C 86 -24.38 20.95 25.91
N ALA C 87 -25.67 20.85 25.59
CA ALA C 87 -26.22 19.66 24.98
C ALA C 87 -25.41 19.22 23.76
N ASP C 88 -25.03 20.19 22.92
CA ASP C 88 -24.30 19.88 21.70
C ASP C 88 -22.91 19.30 21.95
N LEU C 89 -22.22 19.82 22.96
CA LEU C 89 -20.86 19.42 23.26
C LEU C 89 -20.90 18.03 23.86
N LYS C 90 -21.78 17.83 24.82
CA LYS C 90 -21.99 16.50 25.38
C LYS C 90 -22.21 15.48 24.28
N ILE C 91 -23.09 15.82 23.34
CA ILE C 91 -23.43 14.91 22.23
C ILE C 91 -22.16 14.49 21.56
N ARG C 92 -21.34 15.48 21.26
CA ARG C 92 -20.08 15.26 20.55
C ARG C 92 -19.12 14.45 21.39
N LYS C 93 -19.10 14.75 22.69
CA LYS C 93 -18.22 14.02 23.60
C LYS C 93 -18.64 12.52 23.64
N ARG C 94 -19.93 12.28 23.81
CA ARG C 94 -20.46 10.95 23.93
C ARG C 94 -20.28 10.13 22.66
N GLN C 95 -20.40 10.79 21.50
CA GLN C 95 -20.26 10.07 20.23
C GLN C 95 -18.81 9.75 19.93
N HIS C 96 -17.92 10.68 20.23
CA HIS C 96 -16.50 10.42 20.09
C HIS C 96 -16.11 9.22 20.93
N GLU C 97 -16.46 9.24 22.21
CA GLU C 97 -16.13 8.10 23.08
C GLU C 97 -16.58 6.77 22.47
N GLU C 98 -17.81 6.73 21.97
CA GLU C 98 -18.39 5.51 21.42
CA GLU C 98 -18.42 5.53 21.39
C GLU C 98 -17.59 5.07 20.18
N LEU C 99 -17.21 6.02 19.34
CA LEU C 99 -16.49 5.67 18.13
C LEU C 99 -15.09 5.20 18.50
N GLU C 100 -14.50 5.79 19.54
CA GLU C 100 -13.18 5.36 19.96
C GLU C 100 -13.21 3.92 20.45
N ARG C 101 -14.27 3.57 21.16
CA ARG C 101 -14.41 2.23 21.71
CA ARG C 101 -14.43 2.24 21.71
C ARG C 101 -14.57 1.24 20.58
N LYS C 102 -15.43 1.57 19.61
CA LYS C 102 -15.67 0.68 18.49
C LYS C 102 -14.38 0.45 17.70
N PHE C 103 -13.61 1.53 17.53
CA PHE C 103 -12.45 1.49 16.70
C PHE C 103 -11.36 0.66 17.39
N ARG C 104 -11.14 0.90 18.67
CA ARG C 104 -10.17 0.11 19.42
C ARG C 104 -10.56 -1.37 19.43
N GLU C 105 -11.84 -1.64 19.64
CA GLU C 105 -12.34 -3.01 19.62
C GLU C 105 -11.99 -3.75 18.31
N VAL C 106 -12.27 -3.11 17.15
CA VAL C 106 -12.05 -3.76 15.86
C VAL C 106 -10.53 -4.00 15.61
N MET C 107 -9.73 -2.98 15.92
CA MET C 107 -8.26 -3.10 15.81
C MET C 107 -7.68 -4.16 16.74
N LYS C 108 -8.23 -4.27 17.94
CA LYS C 108 -7.78 -5.28 18.90
C LYS C 108 -8.05 -6.69 18.34
N GLU C 109 -9.23 -6.87 17.79
CA GLU C 109 -9.62 -8.11 17.12
C GLU C 109 -8.71 -8.42 15.92
N TYR C 110 -8.27 -7.37 15.24
CA TYR C 110 -7.38 -7.50 14.09
C TYR C 110 -6.01 -8.02 14.55
N ASN C 111 -5.47 -7.44 15.61
CA ASN C 111 -4.22 -7.90 16.20
C ASN C 111 -4.31 -9.33 16.68
N ALA C 112 -5.40 -9.71 17.32
CA ALA C 112 -5.58 -11.11 17.73
C ALA C 112 -5.56 -12.04 16.49
N THR C 113 -6.23 -11.65 15.42
CA THR C 113 -6.27 -12.46 14.19
C THR C 113 -4.87 -12.69 13.60
N GLN C 114 -4.03 -11.66 13.66
CA GLN C 114 -2.69 -11.74 13.16
C GLN C 114 -1.82 -12.62 14.04
N GLN C 115 -1.96 -12.45 15.35
CA GLN C 115 -1.22 -13.25 16.30
C GLN C 115 -1.49 -14.76 16.08
N ASP C 116 -2.76 -15.11 15.88
CA ASP C 116 -3.14 -16.48 15.61
C ASP C 116 -2.55 -17.02 14.31
N TYR C 117 -2.45 -16.16 13.29
CA TYR C 117 -1.87 -16.56 12.01
C TYR C 117 -0.42 -16.87 12.25
N ARG C 118 0.24 -16.03 13.01
CA ARG C 118 1.66 -16.22 13.23
C ARG C 118 1.88 -17.53 13.99
N LYS C 119 1.07 -17.80 14.99
CA LYS C 119 1.21 -19.01 15.82
C LYS C 119 0.92 -20.26 14.98
N ARG C 120 -0.22 -20.26 14.31
CA ARG C 120 -0.66 -21.41 13.55
C ARG C 120 0.25 -21.75 12.36
N ALA C 121 0.92 -20.75 11.85
CA ALA C 121 1.80 -20.97 10.71
C ALA C 121 3.08 -21.62 11.22
N ARG C 122 3.44 -21.29 12.45
CA ARG C 122 4.64 -21.85 13.04
C ARG C 122 4.37 -23.30 13.35
N LYS C 123 3.16 -23.61 13.79
CA LYS C 123 2.78 -24.99 14.04
C LYS C 123 2.71 -25.81 12.78
N ARG C 124 2.25 -25.22 11.67
CA ARG C 124 2.27 -25.94 10.38
C ARG C 124 3.68 -26.27 9.95
N ASN C 125 4.55 -25.27 10.05
CA ASN C 125 5.97 -25.39 9.75
C ASN C 125 6.65 -26.52 10.51
N LEU C 126 6.25 -26.70 11.77
CA LEU C 126 6.79 -27.74 12.64
C LEU C 126 6.21 -29.14 12.39
N GLU C 127 5.02 -29.20 11.82
CA GLU C 127 4.47 -30.49 11.37
C GLU C 127 5.26 -31.00 10.18
#